data_7HJU
#
_entry.id   7HJU
#
_cell.length_a   25.952
_cell.length_b   46.979
_cell.length_c   46.483
_cell.angle_alpha   90.000
_cell.angle_beta   102.960
_cell.angle_gamma   90.000
#
_symmetry.space_group_name_H-M   'P 1 21 1'
#
loop_
_entity.id
_entity.type
_entity.pdbx_description
1 polymer 'De novo designed ABLE protein'
2 non-polymer 1H-imidazole-2-sulfonamide
3 water water
#
_entity_poly.entity_id   1
_entity_poly.type   'polypeptide(L)'
_entity_poly.pdbx_seq_one_letter_code
;SVKSEYAEAAAVGQEAVAVFNTMKAAFQNGDKEAVAQYLARLASLYTRHEELLNRILEKARREGNKEAVTLMNEFTATFQ
TGKSIFNAMVAAFKNGDDDSFESYLQALEKVTAKGETLADQIAKAL
;
_entity_poly.pdbx_strand_id   A
#
# COMPACT_ATOMS: atom_id res chain seq x y z
N SER A 1 7.19 21.53 0.26
N SER A 1 6.89 21.64 0.03
CA SER A 1 6.11 21.61 1.27
CA SER A 1 6.07 21.65 1.26
C SER A 1 5.63 20.22 1.64
C SER A 1 5.60 20.24 1.62
N VAL A 2 4.87 20.13 2.72
CA VAL A 2 4.30 18.86 3.11
C VAL A 2 3.29 18.42 2.05
N LYS A 3 2.65 19.39 1.39
N LYS A 3 2.66 19.39 1.38
CA LYS A 3 1.67 19.04 0.36
CA LYS A 3 1.66 19.04 0.37
C LYS A 3 2.34 18.41 -0.85
C LYS A 3 2.32 18.43 -0.86
N SER A 4 3.51 18.91 -1.22
CA SER A 4 4.24 18.33 -2.35
C SER A 4 4.87 16.98 -1.99
N GLU A 5 5.31 16.82 -0.75
CA GLU A 5 5.70 15.51 -0.27
C GLU A 5 4.52 14.53 -0.34
N TYR A 6 3.31 15.01 -0.08
CA TYR A 6 2.18 14.10 -0.19
C TYR A 6 1.91 13.74 -1.65
N ALA A 7 2.15 14.66 -2.58
CA ALA A 7 1.98 14.35 -4.00
C ALA A 7 2.98 13.28 -4.46
N GLU A 8 4.22 13.35 -3.96
CA GLU A 8 5.19 12.31 -4.22
C GLU A 8 4.74 10.96 -3.64
N ALA A 9 4.23 10.99 -2.41
N ALA A 9 4.21 10.99 -2.41
CA ALA A 9 3.74 9.77 -1.79
CA ALA A 9 3.69 9.77 -1.81
C ALA A 9 2.56 9.21 -2.57
C ALA A 9 2.50 9.23 -2.60
N ALA A 10 1.63 10.07 -3.01
N ALA A 10 1.62 10.12 -3.07
CA ALA A 10 0.52 9.58 -3.81
CA ALA A 10 0.47 9.66 -3.84
C ALA A 10 1.02 8.90 -5.06
C ALA A 10 0.89 9.04 -5.16
N ALA A 11 2.03 9.48 -5.71
CA ALA A 11 2.51 8.88 -6.96
C ALA A 11 3.10 7.49 -6.71
N VAL A 12 3.86 7.33 -5.62
CA VAL A 12 4.37 6.01 -5.27
C VAL A 12 3.21 5.05 -5.02
N GLY A 13 2.15 5.50 -4.35
N GLY A 13 2.15 5.51 -4.37
CA GLY A 13 0.98 4.65 -4.20
CA GLY A 13 0.98 4.66 -4.20
C GLY A 13 0.39 4.21 -5.53
C GLY A 13 0.38 4.23 -5.52
N GLN A 14 0.31 5.15 -6.50
CA GLN A 14 -0.19 4.80 -7.83
C GLN A 14 0.74 3.86 -8.55
N GLU A 15 2.05 3.97 -8.34
CA GLU A 15 2.97 3.00 -8.92
C GLU A 15 2.68 1.60 -8.41
N ALA A 16 2.43 1.48 -7.10
CA ALA A 16 2.12 0.16 -6.56
C ALA A 16 0.81 -0.36 -7.10
N VAL A 17 -0.18 0.51 -7.32
CA VAL A 17 -1.41 0.08 -7.96
C VAL A 17 -1.11 -0.51 -9.34
N ALA A 18 -0.28 0.17 -10.11
CA ALA A 18 0.01 -0.32 -11.45
C ALA A 18 0.72 -1.67 -11.41
N VAL A 19 1.74 -1.78 -10.56
CA VAL A 19 2.49 -3.04 -10.47
C VAL A 19 1.59 -4.16 -9.94
N PHE A 20 0.72 -3.82 -9.00
CA PHE A 20 -0.19 -4.81 -8.45
C PHE A 20 -1.11 -5.37 -9.53
N ASN A 21 -1.67 -4.50 -10.36
N ASN A 21 -1.50 -4.55 -10.50
CA ASN A 21 -2.61 -4.98 -11.38
CA ASN A 21 -2.32 -5.04 -11.59
C ASN A 21 -1.90 -5.82 -12.42
C ASN A 21 -1.55 -6.03 -12.48
N THR A 22 -0.65 -5.50 -12.73
N THR A 22 -0.36 -5.66 -12.94
CA THR A 22 0.13 -6.36 -13.61
CA THR A 22 0.42 -6.60 -13.76
C THR A 22 0.43 -7.70 -12.96
C THR A 22 0.80 -7.85 -12.98
N MET A 23 0.79 -7.68 -11.67
N MET A 23 0.84 -7.75 -11.64
CA MET A 23 1.04 -8.91 -10.94
CA MET A 23 1.06 -8.94 -10.82
C MET A 23 -0.19 -9.80 -10.90
C MET A 23 -0.19 -9.82 -10.78
N LYS A 24 -1.37 -9.20 -10.68
CA LYS A 24 -2.62 -9.97 -10.67
C LYS A 24 -2.79 -10.71 -11.99
N ALA A 25 -2.50 -10.03 -13.10
CA ALA A 25 -2.60 -10.70 -14.41
C ALA A 25 -1.61 -11.84 -14.53
N ALA A 26 -0.38 -11.64 -14.07
CA ALA A 26 0.62 -12.70 -14.10
C ALA A 26 0.21 -13.88 -13.24
N PHE A 27 -0.30 -13.64 -12.04
CA PHE A 27 -0.79 -14.71 -11.20
C PHE A 27 -1.87 -15.50 -11.94
N GLN A 28 -2.84 -14.80 -12.50
CA GLN A 28 -3.92 -15.53 -13.18
C GLN A 28 -3.36 -16.37 -14.31
N ASN A 29 -2.36 -15.86 -15.01
CA ASN A 29 -1.77 -16.57 -16.16
C ASN A 29 -0.78 -17.66 -15.74
N GLY A 30 -0.45 -17.77 -14.46
CA GLY A 30 0.45 -18.79 -14.00
C GLY A 30 1.92 -18.49 -14.21
N ASP A 31 2.28 -17.23 -14.47
CA ASP A 31 3.64 -16.79 -14.73
C ASP A 31 4.28 -16.46 -13.37
N LYS A 32 4.66 -17.53 -12.67
N LYS A 32 4.69 -17.53 -12.67
CA LYS A 32 5.12 -17.39 -11.29
CA LYS A 32 5.16 -17.36 -11.30
C LYS A 32 6.44 -16.64 -11.19
C LYS A 32 6.48 -16.62 -11.23
N GLU A 33 7.29 -16.76 -12.22
N GLU A 33 7.32 -16.75 -12.25
CA GLU A 33 8.53 -16.00 -12.22
CA GLU A 33 8.57 -15.98 -12.27
C GLU A 33 8.27 -14.50 -12.24
C GLU A 33 8.31 -14.49 -12.30
N ALA A 34 7.30 -14.06 -13.06
CA ALA A 34 6.92 -12.66 -13.07
C ALA A 34 6.36 -12.26 -11.71
N VAL A 35 5.44 -13.07 -11.19
CA VAL A 35 4.84 -12.74 -9.88
C VAL A 35 5.93 -12.50 -8.84
N ALA A 36 6.92 -13.39 -8.77
CA ALA A 36 7.96 -13.21 -7.76
C ALA A 36 8.64 -11.85 -7.87
N GLN A 37 8.95 -11.45 -9.09
CA GLN A 37 9.60 -10.16 -9.29
C GLN A 37 8.68 -9.00 -8.94
N TYR A 38 7.41 -9.09 -9.33
CA TYR A 38 6.46 -8.03 -8.98
C TYR A 38 6.28 -7.94 -7.47
N LEU A 39 6.25 -9.06 -6.77
CA LEU A 39 6.12 -9.00 -5.31
C LEU A 39 7.33 -8.32 -4.67
N ALA A 40 8.53 -8.61 -5.17
CA ALA A 40 9.70 -7.89 -4.69
C ALA A 40 9.58 -6.40 -4.96
N ARG A 41 9.12 -6.04 -6.16
CA ARG A 41 8.95 -4.63 -6.51
C ARG A 41 7.91 -3.95 -5.59
N LEU A 42 6.80 -4.64 -5.32
CA LEU A 42 5.78 -4.11 -4.44
C LEU A 42 6.29 -3.96 -3.01
N ALA A 43 7.13 -4.89 -2.54
N ALA A 43 7.13 -4.88 -2.55
CA ALA A 43 7.65 -4.72 -1.19
CA ALA A 43 7.66 -4.75 -1.20
C ALA A 43 8.46 -3.44 -1.08
C ALA A 43 8.50 -3.49 -1.05
N SER A 44 9.30 -3.18 -2.07
N SER A 44 9.29 -3.17 -2.07
CA SER A 44 10.08 -1.96 -2.08
CA SER A 44 10.12 -1.96 -2.00
C SER A 44 9.18 -0.73 -2.16
C SER A 44 9.25 -0.71 -2.03
N LEU A 45 8.14 -0.80 -3.00
N LEU A 45 8.22 -0.70 -2.87
CA LEU A 45 7.23 0.33 -3.15
CA LEU A 45 7.31 0.45 -2.90
C LEU A 45 6.46 0.59 -1.87
C LEU A 45 6.63 0.65 -1.55
N TYR A 46 5.96 -0.45 -1.21
N TYR A 46 6.21 -0.44 -0.90
CA TYR A 46 5.24 -0.24 0.04
CA TYR A 46 5.66 -0.31 0.44
C TYR A 46 6.16 0.25 1.15
C TYR A 46 6.63 0.39 1.36
N THR A 47 7.39 -0.27 1.21
N THR A 47 7.90 0.01 1.32
CA THR A 47 8.34 0.21 2.21
CA THR A 47 8.90 0.64 2.18
C THR A 47 8.60 1.70 2.03
C THR A 47 8.97 2.13 1.91
N ARG A 48 8.76 2.14 0.78
N ARG A 48 9.10 2.50 0.64
CA ARG A 48 9.01 3.55 0.50
CA ARG A 48 9.17 3.92 0.26
C ARG A 48 7.77 4.41 0.82
C ARG A 48 7.89 4.66 0.66
N HIS A 49 6.60 3.95 0.39
N HIS A 49 6.74 4.09 0.34
CA HIS A 49 5.37 4.69 0.67
CA HIS A 49 5.48 4.75 0.69
C HIS A 49 5.18 4.87 2.18
C HIS A 49 5.33 4.91 2.19
N GLU A 50 5.36 3.79 2.96
N GLU A 50 5.66 3.84 2.95
CA GLU A 50 5.22 3.83 4.41
CA GLU A 50 5.59 3.90 4.41
C GLU A 50 6.12 4.90 5.02
C GLU A 50 6.48 5.02 4.95
N GLU A 51 7.36 5.01 4.51
N GLU A 51 7.71 5.09 4.45
CA GLU A 51 8.30 5.98 5.05
CA GLU A 51 8.65 6.09 4.94
C GLU A 51 7.89 7.41 4.72
C GLU A 51 8.17 7.50 4.60
N LEU A 52 7.50 7.67 3.47
CA LEU A 52 7.00 8.99 3.10
C LEU A 52 5.78 9.38 3.93
N LEU A 53 4.90 8.44 4.21
CA LEU A 53 3.72 8.72 5.02
C LEU A 53 4.10 9.08 6.45
N ASN A 54 5.09 8.39 7.01
CA ASN A 54 5.49 8.70 8.39
C ASN A 54 6.09 10.09 8.46
N ARG A 55 6.87 10.47 7.45
N ARG A 55 6.89 10.47 7.46
CA ARG A 55 7.45 11.81 7.46
CA ARG A 55 7.46 11.81 7.44
C ARG A 55 6.37 12.88 7.33
C ARG A 55 6.37 12.87 7.33
N ILE A 56 5.35 12.62 6.52
CA ILE A 56 4.24 13.56 6.37
C ILE A 56 3.49 13.71 7.69
N LEU A 57 3.19 12.59 8.34
CA LEU A 57 2.51 12.64 9.63
C LEU A 57 3.35 13.40 10.66
N GLU A 58 4.63 13.05 10.77
CA GLU A 58 5.49 13.75 11.73
C GLU A 58 5.53 15.25 11.47
N LYS A 59 5.55 15.65 10.21
CA LYS A 59 5.60 17.07 9.87
C LYS A 59 4.28 17.76 10.23
N ALA A 60 3.16 17.14 9.87
CA ALA A 60 1.87 17.68 10.29
C ALA A 60 1.79 17.85 11.80
N ARG A 61 2.33 16.88 12.55
CA ARG A 61 2.37 17.02 14.02
C ARG A 61 3.20 18.22 14.43
N ARG A 62 4.39 18.39 13.84
CA ARG A 62 5.25 19.50 14.22
C ARG A 62 4.61 20.84 13.87
N GLU A 63 3.79 20.88 12.82
CA GLU A 63 3.08 22.06 12.39
C GLU A 63 1.85 22.37 13.22
N GLY A 64 1.41 21.45 14.08
CA GLY A 64 0.19 21.63 14.85
C GLY A 64 -1.08 21.50 14.02
N ASN A 65 -1.03 20.76 12.92
CA ASN A 65 -2.13 20.69 11.97
C ASN A 65 -3.04 19.55 12.41
N LYS A 66 -3.87 19.86 13.40
CA LYS A 66 -4.61 18.79 14.09
C LYS A 66 -5.45 17.97 13.13
N GLU A 67 -6.19 18.62 12.22
CA GLU A 67 -7.03 17.83 11.33
C GLU A 67 -6.20 16.94 10.44
N ALA A 68 -5.07 17.44 9.93
CA ALA A 68 -4.25 16.59 9.09
C ALA A 68 -3.66 15.43 9.87
N VAL A 69 -3.32 15.66 11.15
CA VAL A 69 -2.79 14.57 11.98
C VAL A 69 -3.85 13.49 12.16
N THR A 70 -5.09 13.91 12.46
CA THR A 70 -6.18 12.95 12.65
C THR A 70 -6.35 12.07 11.42
N LEU A 71 -6.43 12.70 10.24
CA LEU A 71 -6.64 11.96 9.01
C LEU A 71 -5.46 11.05 8.71
N MET A 72 -4.23 11.54 8.92
CA MET A 72 -3.04 10.72 8.66
C MET A 72 -2.91 9.58 9.66
N ASN A 73 -3.30 9.77 10.93
CA ASN A 73 -3.35 8.64 11.85
C ASN A 73 -4.31 7.56 11.35
N GLU A 74 -5.50 7.96 10.89
CA GLU A 74 -6.44 6.98 10.37
C GLU A 74 -5.90 6.33 9.12
N PHE A 75 -5.27 7.12 8.26
N PHE A 75 -5.37 7.11 8.18
CA PHE A 75 -4.74 6.58 7.01
CA PHE A 75 -5.00 6.53 6.90
C PHE A 75 -3.56 5.65 7.27
C PHE A 75 -3.88 5.52 7.06
N THR A 76 -2.66 6.03 8.17
N THR A 76 -2.82 5.89 7.77
CA THR A 76 -1.52 5.14 8.45
CA THR A 76 -1.69 4.97 7.94
C THR A 76 -1.98 3.83 9.11
C THR A 76 -2.12 3.67 8.59
N ALA A 77 -3.05 3.88 9.90
N ALA A 77 -3.03 3.76 9.56
CA ALA A 77 -3.61 2.65 10.44
CA ALA A 77 -3.52 2.53 10.19
C ALA A 77 -4.08 1.73 9.31
C ALA A 77 -4.15 1.60 9.18
N THR A 78 -4.85 2.26 8.36
N THR A 78 -4.96 2.14 8.25
CA THR A 78 -5.34 1.46 7.25
CA THR A 78 -5.56 1.32 7.21
C THR A 78 -4.17 0.91 6.42
C THR A 78 -4.58 0.98 6.10
N PHE A 79 -3.11 1.71 6.26
N PHE A 79 -3.60 1.86 5.84
CA PHE A 79 -1.93 1.25 5.51
CA PHE A 79 -2.47 1.49 4.99
C PHE A 79 -1.36 -0.03 6.12
C PHE A 79 -1.78 0.24 5.55
N GLN A 80 -1.32 -0.10 7.45
N GLN A 80 -1.57 0.19 6.87
CA GLN A 80 -0.78 -1.29 8.11
CA GLN A 80 -0.93 -0.97 7.47
C GLN A 80 -1.68 -2.51 7.89
C GLN A 80 -1.79 -2.23 7.38
N THR A 81 -3.00 -2.32 7.79
N THR A 81 -3.11 -2.11 7.41
CA THR A 81 -3.88 -3.42 7.39
CA THR A 81 -3.95 -3.29 7.24
C THR A 81 -3.47 -3.96 6.04
C THR A 81 -3.79 -3.87 5.85
N GLY A 82 -3.34 -3.08 5.05
N GLY A 82 -3.60 -3.01 4.86
CA GLY A 82 -2.91 -3.51 3.73
CA GLY A 82 -3.25 -3.49 3.53
C GLY A 82 -1.56 -4.19 3.78
C GLY A 82 -1.85 -4.07 3.48
N LYS A 83 -0.62 -3.64 4.54
N LYS A 83 -0.90 -3.47 4.21
CA LYS A 83 0.71 -4.26 4.65
CA LYS A 83 0.45 -4.00 4.21
C LYS A 83 0.64 -5.68 5.21
C LYS A 83 0.51 -5.38 4.86
N SER A 84 -0.17 -5.88 6.25
N SER A 84 -0.23 -5.55 5.96
CA SER A 84 -0.32 -7.23 6.80
CA SER A 84 -0.28 -6.86 6.62
C SER A 84 -0.95 -8.16 5.78
C SER A 84 -0.86 -7.92 5.68
N ILE A 85 -1.96 -7.71 5.07
N ILE A 85 -1.87 -7.56 4.91
CA ILE A 85 -2.55 -8.56 4.05
CA ILE A 85 -2.42 -8.49 3.93
C ILE A 85 -1.55 -8.82 2.92
C ILE A 85 -1.35 -8.85 2.90
N PHE A 86 -0.83 -7.79 2.49
N PHE A 86 -0.57 -7.86 2.47
CA PHE A 86 0.21 -7.99 1.49
CA PHE A 86 0.48 -8.10 1.49
C PHE A 86 1.20 -9.04 1.97
C PHE A 86 1.50 -9.10 2.01
N ASN A 87 1.72 -8.88 3.18
N ASN A 87 1.90 -8.97 3.27
CA ASN A 87 2.73 -9.82 3.65
CA ASN A 87 2.85 -9.92 3.83
C ASN A 87 2.17 -11.24 3.70
C ASN A 87 2.25 -11.31 3.90
N ALA A 88 0.89 -11.40 4.05
N ALA A 88 0.95 -11.42 4.15
CA ALA A 88 0.30 -12.72 4.04
CA ALA A 88 0.29 -12.72 4.13
C ALA A 88 0.22 -13.28 2.63
C ALA A 88 0.15 -13.26 2.71
N MET A 89 -0.08 -12.42 1.65
N MET A 89 0.05 -12.36 1.71
CA MET A 89 -0.09 -12.83 0.25
CA MET A 89 0.01 -12.77 0.32
C MET A 89 1.28 -13.34 -0.17
C MET A 89 1.38 -13.28 -0.14
N VAL A 90 2.34 -12.63 0.22
N VAL A 90 2.45 -12.60 0.30
CA VAL A 90 3.70 -13.07 -0.07
CA VAL A 90 3.80 -13.03 -0.01
C VAL A 90 3.96 -14.46 0.51
C VAL A 90 4.08 -14.42 0.57
N ALA A 91 3.54 -14.69 1.75
CA ALA A 91 3.75 -16.00 2.36
C ALA A 91 2.96 -17.08 1.63
N ALA A 92 1.75 -16.74 1.18
CA ALA A 92 0.95 -17.69 0.44
C ALA A 92 1.61 -18.05 -0.89
N PHE A 93 2.29 -17.10 -1.50
CA PHE A 93 3.01 -17.42 -2.73
C PHE A 93 4.19 -18.33 -2.46
N LYS A 94 4.98 -18.02 -1.43
N LYS A 94 4.96 -18.04 -1.41
CA LYS A 94 6.07 -18.89 -1.01
CA LYS A 94 6.08 -18.89 -1.03
C LYS A 94 5.60 -20.30 -0.78
C LYS A 94 5.62 -20.30 -0.74
N ASN A 95 4.45 -20.46 -0.11
CA ASN A 95 3.94 -21.77 0.30
C ASN A 95 3.19 -22.49 -0.82
N GLY A 96 2.97 -21.84 -1.96
CA GLY A 96 2.20 -22.44 -3.02
C GLY A 96 0.71 -22.54 -2.75
N ASP A 97 0.16 -21.68 -1.88
CA ASP A 97 -1.25 -21.72 -1.52
C ASP A 97 -1.98 -20.72 -2.42
N ASP A 98 -2.42 -21.19 -3.58
CA ASP A 98 -3.06 -20.28 -4.52
C ASP A 98 -4.42 -19.82 -4.02
N ASP A 99 -5.13 -20.68 -3.28
CA ASP A 99 -6.41 -20.27 -2.72
C ASP A 99 -6.24 -19.07 -1.78
N SER A 100 -5.28 -19.17 -0.86
CA SER A 100 -5.03 -18.03 0.01
C SER A 100 -4.54 -16.83 -0.77
N PHE A 101 -3.72 -17.04 -1.79
CA PHE A 101 -3.20 -15.91 -2.55
C PHE A 101 -4.34 -15.14 -3.22
N GLU A 102 -5.27 -15.85 -3.85
N GLU A 102 -5.28 -15.87 -3.85
CA GLU A 102 -6.44 -15.21 -4.43
CA GLU A 102 -6.46 -15.23 -4.42
C GLU A 102 -7.21 -14.43 -3.38
C GLU A 102 -7.23 -14.45 -3.37
N SER A 103 -7.47 -15.06 -2.24
N SER A 103 -7.46 -15.06 -2.21
CA SER A 103 -8.22 -14.43 -1.14
CA SER A 103 -8.22 -14.43 -1.14
C SER A 103 -7.57 -13.12 -0.72
C SER A 103 -7.56 -13.12 -0.71
N TYR A 104 -6.29 -13.19 -0.33
CA TYR A 104 -5.57 -11.99 0.08
C TYR A 104 -5.55 -10.94 -1.02
N LEU A 105 -5.48 -11.36 -2.28
CA LEU A 105 -5.46 -10.41 -3.40
C LEU A 105 -6.74 -9.57 -3.43
N GLN A 106 -7.90 -10.21 -3.35
N GLN A 106 -7.89 -10.22 -3.37
CA GLN A 106 -9.16 -9.49 -3.34
CA GLN A 106 -9.16 -9.49 -3.33
C GLN A 106 -9.27 -8.59 -2.11
C GLN A 106 -9.25 -8.59 -2.12
N ALA A 107 -8.81 -9.08 -0.96
CA ALA A 107 -8.89 -8.28 0.26
C ALA A 107 -8.03 -7.04 0.15
N LEU A 108 -6.81 -7.18 -0.35
CA LEU A 108 -5.95 -6.01 -0.52
C LEU A 108 -6.59 -5.01 -1.47
N GLU A 109 -7.30 -5.51 -2.48
N GLU A 109 -7.29 -5.50 -2.49
CA GLU A 109 -7.99 -4.63 -3.42
CA GLU A 109 -7.98 -4.60 -3.41
C GLU A 109 -9.12 -3.85 -2.75
C GLU A 109 -9.09 -3.83 -2.71
N LYS A 110 -9.84 -4.50 -1.82
CA LYS A 110 -10.97 -3.84 -1.17
C LYS A 110 -10.51 -2.88 -0.09
N VAL A 111 -9.50 -3.27 0.69
CA VAL A 111 -8.93 -2.36 1.69
C VAL A 111 -8.40 -1.11 1.01
N THR A 112 -7.77 -1.25 -0.15
CA THR A 112 -7.16 -0.12 -0.84
C THR A 112 -8.21 0.79 -1.45
N ALA A 113 -9.21 0.21 -2.10
CA ALA A 113 -10.30 1.02 -2.64
C ALA A 113 -11.02 1.79 -1.52
N LYS A 114 -11.20 1.15 -0.36
CA LYS A 114 -11.92 1.80 0.73
C LYS A 114 -11.19 3.05 1.21
N GLY A 115 -9.87 3.00 1.25
N GLY A 115 -9.86 3.01 1.26
CA GLY A 115 -9.09 4.10 1.78
CA GLY A 115 -9.10 4.11 1.78
C GLY A 115 -8.87 5.27 0.86
C GLY A 115 -8.85 5.26 0.83
N GLU A 116 -9.55 5.31 -0.30
N GLU A 116 -9.55 5.30 -0.30
CA GLU A 116 -9.24 6.34 -1.29
CA GLU A 116 -9.25 6.33 -1.30
C GLU A 116 -9.93 7.66 -0.99
C GLU A 116 -9.93 7.65 -1.00
N THR A 117 -11.12 7.64 -0.39
CA THR A 117 -11.75 8.90 -0.02
C THR A 117 -10.93 9.62 1.04
N LEU A 118 -10.41 8.89 2.02
CA LEU A 118 -9.53 9.48 3.02
C LEU A 118 -8.24 10.03 2.38
N ALA A 119 -7.66 9.27 1.44
CA ALA A 119 -6.46 9.74 0.77
C ALA A 119 -6.68 11.10 0.13
N ASP A 120 -7.84 11.28 -0.52
N ASP A 120 -7.84 11.28 -0.52
CA ASP A 120 -8.11 12.56 -1.13
CA ASP A 120 -8.14 12.57 -1.12
C ASP A 120 -8.36 13.64 -0.07
C ASP A 120 -8.42 13.64 -0.06
N GLN A 121 -8.99 13.28 1.05
N GLN A 121 -9.00 13.25 1.08
CA GLN A 121 -9.18 14.25 2.13
CA GLN A 121 -9.20 14.21 2.16
C GLN A 121 -7.86 14.77 2.66
C GLN A 121 -7.87 14.77 2.65
N ILE A 122 -6.85 13.91 2.73
CA ILE A 122 -5.58 14.32 3.30
C ILE A 122 -4.93 15.37 2.42
N ALA A 123 -4.96 15.16 1.11
CA ALA A 123 -4.35 16.13 0.20
C ALA A 123 -4.88 17.54 0.47
N LYS A 124 -6.17 17.66 0.73
CA LYS A 124 -6.77 18.95 0.94
C LYS A 124 -6.46 19.51 2.32
N ALA A 125 -6.14 18.63 3.27
CA ALA A 125 -5.94 19.06 4.64
C ALA A 125 -4.53 19.54 4.92
N LEU A 126 -3.55 19.10 4.17
CA LEU A 126 -2.15 19.36 4.52
C LEU A 126 -1.79 20.81 4.34
#